data_4ZKY
#
_entry.id   4ZKY
#
_cell.length_a   56.704
_cell.length_b   59.415
_cell.length_c   95.990
_cell.angle_alpha   90.00
_cell.angle_beta   90.00
_cell.angle_gamma   90.00
#
_symmetry.space_group_name_H-M   'P 21 21 21'
#
loop_
_entity.id
_entity.type
_entity.pdbx_description
1 polymer 'Pyridoxamine 5-phosphate oxidase'
2 non-polymer 'IODIDE ION'
3 non-polymer 'CHLORIDE ION'
4 non-polymer 'SODIUM ION'
5 water water
#
_entity_poly.entity_id   1
_entity_poly.type   'polypeptide(L)'
_entity_poly.pdbx_seq_one_letter_code
;GMAEFDAVTAFADAPAAVLSTLNADGAPHLVPVVFAVHVPHVEGQPARIYTAVDAKRKTTRNLRRLANIDRDSRVSLLVD
HYSDDWTQLWWVRADGVATTHHSGDEVATGYALLRAKYHQYERVSLDGPVISVEVSRWASWQA
;
_entity_poly.pdbx_strand_id   A,B
#
# COMPACT_ATOMS: atom_id res chain seq x y z
N PHE A 5 -21.08 -1.36 8.41
CA PHE A 5 -19.91 -1.20 7.56
C PHE A 5 -19.73 -2.42 6.67
N ASP A 6 -19.83 -2.23 5.37
CA ASP A 6 -19.58 -3.31 4.41
C ASP A 6 -18.20 -3.13 3.78
N ALA A 7 -17.26 -4.02 4.13
CA ALA A 7 -15.89 -3.87 3.68
C ALA A 7 -15.79 -3.90 2.16
N VAL A 8 -16.50 -4.83 1.52
CA VAL A 8 -16.40 -4.97 0.08
C VAL A 8 -16.91 -3.72 -0.63
N THR A 9 -17.99 -3.15 -0.12
CA THR A 9 -18.54 -1.94 -0.71
C THR A 9 -17.62 -0.73 -0.54
N ALA A 10 -17.06 -0.59 0.66
CA ALA A 10 -16.14 0.49 0.97
C ALA A 10 -14.93 0.43 0.03
N PHE A 11 -14.42 -0.78 -0.17
CA PHE A 11 -13.30 -1.00 -1.07
C PHE A 11 -13.70 -0.64 -2.50
N ALA A 12 -14.82 -1.18 -2.97
CA ALA A 12 -15.25 -1.01 -4.35
C ALA A 12 -15.49 0.46 -4.71
N ASP A 13 -16.01 1.22 -3.76
CA ASP A 13 -16.36 2.62 -4.01
C ASP A 13 -15.16 3.56 -4.02
N ALA A 14 -14.05 3.16 -3.40
CA ALA A 14 -12.89 4.04 -3.30
C ALA A 14 -12.21 4.24 -4.64
N PRO A 15 -11.66 5.44 -4.86
CA PRO A 15 -11.02 5.82 -6.11
C PRO A 15 -9.68 5.14 -6.36
N ALA A 16 -8.92 4.89 -5.30
CA ALA A 16 -7.56 4.40 -5.46
C ALA A 16 -7.23 3.27 -4.50
N ALA A 17 -6.43 2.31 -4.96
CA ALA A 17 -5.94 1.26 -4.06
C ALA A 17 -4.43 1.16 -4.24
N VAL A 18 -3.74 0.61 -3.25
CA VAL A 18 -2.33 0.30 -3.46
C VAL A 18 -2.17 -1.18 -3.77
N LEU A 19 -1.51 -1.47 -4.90
CA LEU A 19 -1.24 -2.83 -5.36
C LEU A 19 0.16 -3.26 -4.97
N SER A 20 0.26 -4.40 -4.30
CA SER A 20 1.57 -4.94 -3.97
C SER A 20 1.83 -6.21 -4.74
N THR A 21 2.98 -6.26 -5.42
CA THR A 21 3.44 -7.46 -6.12
C THR A 21 4.83 -7.78 -5.62
N LEU A 22 5.35 -8.93 -6.01
CA LEU A 22 6.66 -9.37 -5.57
C LEU A 22 7.71 -9.17 -6.65
N ASN A 23 8.79 -8.49 -6.31
CA ASN A 23 9.92 -8.32 -7.22
C ASN A 23 10.61 -9.67 -7.43
N ALA A 24 11.53 -9.71 -8.39
CA ALA A 24 12.23 -10.95 -8.73
C ALA A 24 12.92 -11.61 -7.53
N ASP A 25 13.49 -10.80 -6.64
CA ASP A 25 14.19 -11.37 -5.48
C ASP A 25 13.26 -11.64 -4.29
N GLY A 26 11.97 -11.43 -4.49
CA GLY A 26 10.98 -11.71 -3.44
C GLY A 26 10.57 -10.50 -2.60
N ALA A 27 11.25 -9.38 -2.79
CA ALA A 27 10.95 -8.16 -2.01
C ALA A 27 9.65 -7.52 -2.49
N PRO A 28 8.95 -6.81 -1.60
CA PRO A 28 7.69 -6.26 -2.04
C PRO A 28 7.83 -5.00 -2.87
N HIS A 29 6.91 -4.83 -3.80
CA HIS A 29 6.82 -3.66 -4.60
C HIS A 29 5.42 -3.06 -4.41
N LEU A 30 5.30 -1.74 -4.50
CA LEU A 30 4.04 -1.03 -4.31
C LEU A 30 3.79 0.01 -5.39
N VAL A 31 2.56 0.06 -5.91
CA VAL A 31 2.19 1.10 -6.88
C VAL A 31 0.68 1.37 -6.72
N PRO A 32 0.26 2.63 -6.80
CA PRO A 32 -1.18 2.83 -6.71
C PRO A 32 -1.86 2.57 -8.04
N VAL A 33 -3.13 2.19 -7.96
CA VAL A 33 -3.90 1.86 -9.16
C VAL A 33 -5.33 2.39 -9.04
N VAL A 34 -5.99 2.64 -10.19
CA VAL A 34 -7.43 2.74 -10.22
C VAL A 34 -7.93 1.36 -10.63
N PHE A 35 -9.15 1.03 -10.22
CA PHE A 35 -9.59 -0.35 -10.22
C PHE A 35 -11.12 -0.43 -10.19
N ALA A 36 -11.65 -1.58 -10.58
CA ALA A 36 -13.07 -1.83 -10.41
C ALA A 36 -13.30 -3.22 -9.85
N VAL A 37 -14.27 -3.33 -8.97
CA VAL A 37 -14.57 -4.61 -8.34
C VAL A 37 -15.80 -5.22 -8.99
N HIS A 38 -15.74 -6.51 -9.30
CA HIS A 38 -16.93 -7.26 -9.67
C HIS A 38 -17.36 -8.19 -8.54
N VAL A 39 -18.55 -7.97 -7.98
CA VAL A 39 -19.07 -8.91 -7.00
C VAL A 39 -19.99 -9.89 -7.71
N PRO A 40 -19.56 -11.15 -7.83
CA PRO A 40 -20.34 -12.13 -8.58
C PRO A 40 -21.67 -12.33 -7.89
N HIS A 41 -22.75 -12.21 -8.64
CA HIS A 41 -24.07 -12.24 -8.01
C HIS A 41 -24.62 -13.65 -7.96
N VAL A 42 -23.74 -14.64 -8.08
CA VAL A 42 -24.13 -16.03 -7.93
C VAL A 42 -23.72 -16.46 -6.53
N GLU A 43 -23.45 -15.44 -5.72
CA GLU A 43 -23.04 -15.50 -4.32
C GLU A 43 -22.40 -16.81 -3.87
N GLY A 44 -21.11 -16.74 -3.55
CA GLY A 44 -20.35 -17.92 -3.17
C GLY A 44 -19.22 -18.08 -4.16
N GLN A 45 -19.14 -17.16 -5.08
CA GLN A 45 -18.02 -17.17 -5.95
C GLN A 45 -17.15 -16.01 -5.61
N PRO A 46 -15.88 -16.15 -5.90
CA PRO A 46 -14.95 -15.13 -5.41
C PRO A 46 -15.14 -13.81 -6.13
N ALA A 47 -14.94 -12.70 -5.40
CA ALA A 47 -14.94 -11.39 -6.03
C ALA A 47 -13.78 -11.27 -7.00
N ARG A 48 -13.94 -10.39 -7.99
CA ARG A 48 -12.87 -10.13 -8.94
C ARG A 48 -12.50 -8.66 -8.91
N ILE A 49 -11.21 -8.37 -8.92
CA ILE A 49 -10.77 -6.99 -9.01
C ILE A 49 -10.06 -6.76 -10.33
N TYR A 50 -10.48 -5.73 -11.06
CA TYR A 50 -9.91 -5.45 -12.36
C TYR A 50 -9.13 -4.16 -12.37
N THR A 51 -7.96 -4.18 -12.99
CA THR A 51 -7.19 -2.97 -13.14
C THR A 51 -6.39 -3.01 -14.44
N ALA A 52 -6.41 -1.90 -15.16
CA ALA A 52 -5.79 -1.82 -16.48
C ALA A 52 -4.39 -1.24 -16.35
N VAL A 53 -3.53 -1.61 -17.29
CA VAL A 53 -2.17 -1.11 -17.32
C VAL A 53 -1.88 -0.29 -18.57
N ASP A 54 -1.37 0.91 -18.40
CA ASP A 54 -0.90 1.72 -19.52
C ASP A 54 0.52 1.28 -19.89
N ALA A 55 0.62 0.19 -20.66
CA ALA A 55 1.92 -0.31 -21.10
C ALA A 55 1.91 -0.82 -22.56
N LYS A 56 2.80 -0.27 -23.38
CA LYS A 56 3.04 -0.79 -24.72
C LYS A 56 4.23 -1.77 -24.67
N ARG A 57 4.26 -2.76 -25.56
CA ARG A 57 5.36 -3.74 -25.59
C ARG A 57 6.52 -3.21 -26.43
N LYS A 58 7.74 -3.65 -26.07
CA LYS A 58 9.00 -3.35 -26.78
C LYS A 58 9.54 -1.93 -26.60
N THR A 59 8.68 -0.95 -26.34
CA THR A 59 9.17 0.42 -26.39
C THR A 59 8.63 1.34 -25.27
N THR A 60 8.32 0.76 -24.10
CA THR A 60 7.80 1.54 -22.97
C THR A 60 8.03 0.91 -21.59
N ARG A 61 7.36 1.46 -20.57
CA ARG A 61 7.57 1.06 -19.17
C ARG A 61 6.26 0.68 -18.44
N ASN A 62 6.19 0.92 -17.12
CA ASN A 62 5.12 0.35 -16.27
C ASN A 62 5.20 -1.17 -16.34
N LEU A 63 6.32 -1.66 -16.82
CA LEU A 63 6.48 -3.07 -17.07
C LEU A 63 6.58 -3.87 -15.78
N ARG A 64 7.05 -3.24 -14.71
CA ARG A 64 7.38 -3.98 -13.50
C ARG A 64 6.21 -4.76 -12.87
N ARG A 65 5.03 -4.16 -12.72
CA ARG A 65 3.94 -4.91 -12.08
C ARG A 65 3.54 -6.13 -12.91
N LEU A 66 3.59 -5.99 -14.22
CA LEU A 66 3.30 -7.09 -15.13
C LEU A 66 4.36 -8.17 -15.05
N ALA A 67 5.63 -7.78 -15.00
CA ALA A 67 6.70 -8.74 -14.94
C ALA A 67 6.66 -9.48 -13.60
N ASN A 68 6.36 -8.75 -12.52
CA ASN A 68 6.24 -9.39 -11.22
C ASN A 68 5.14 -10.43 -11.18
N ILE A 69 3.97 -10.08 -11.68
CA ILE A 69 2.82 -10.96 -11.68
C ILE A 69 3.09 -12.21 -12.55
N ASP A 70 3.81 -12.04 -13.63
CA ASP A 70 4.13 -13.15 -14.53
C ASP A 70 5.00 -14.19 -13.83
N ARG A 71 5.89 -13.72 -12.96
CA ARG A 71 6.75 -14.63 -12.18
C ARG A 71 6.06 -15.21 -10.96
N ASP A 72 5.24 -14.40 -10.29
CA ASP A 72 4.55 -14.83 -9.06
C ASP A 72 3.21 -14.13 -9.00
N SER A 73 2.12 -14.90 -9.11
CA SER A 73 0.78 -14.29 -9.27
C SER A 73 0.16 -13.78 -7.96
N ARG A 74 0.85 -13.96 -6.85
CA ARG A 74 0.29 -13.57 -5.55
C ARG A 74 0.35 -12.05 -5.34
N VAL A 75 -0.80 -11.42 -5.10
CA VAL A 75 -0.86 -9.98 -4.90
C VAL A 75 -1.74 -9.60 -3.73
N SER A 76 -1.64 -8.33 -3.33
CA SER A 76 -2.51 -7.77 -2.31
C SER A 76 -2.85 -6.36 -2.73
N LEU A 77 -4.09 -5.92 -2.42
CA LEU A 77 -4.52 -4.55 -2.67
C LEU A 77 -5.13 -3.97 -1.41
N LEU A 78 -4.80 -2.70 -1.13
CA LEU A 78 -5.32 -2.05 0.05
C LEU A 78 -5.93 -0.68 -0.26
N VAL A 79 -7.13 -0.48 0.29
CA VAL A 79 -7.80 0.80 0.30
C VAL A 79 -7.77 1.33 1.73
N ASP A 80 -7.36 2.58 1.88
N ASP A 80 -7.33 2.55 1.93
CA ASP A 80 -7.20 3.18 3.19
CA ASP A 80 -7.32 3.07 3.29
C ASP A 80 -8.01 4.47 3.33
C ASP A 80 -7.98 4.44 3.36
N HIS A 81 -8.49 4.74 4.54
CA HIS A 81 -9.13 6.01 4.81
C HIS A 81 -8.43 6.67 5.99
N TYR A 82 -7.80 7.80 5.73
CA TYR A 82 -7.20 8.58 6.79
C TYR A 82 -8.12 9.71 7.17
N SER A 83 -8.13 10.04 8.44
CA SER A 83 -8.82 11.21 8.96
C SER A 83 -8.03 11.86 10.06
N ASP A 84 -8.16 13.16 10.20
CA ASP A 84 -7.49 13.85 11.28
C ASP A 84 -8.06 13.36 12.61
N ASP A 85 -9.31 12.89 12.57
CA ASP A 85 -9.94 12.22 13.71
C ASP A 85 -9.61 10.73 13.66
N TRP A 86 -8.70 10.25 14.49
CA TRP A 86 -8.25 8.87 14.37
C TRP A 86 -9.31 7.85 14.75
N THR A 87 -10.44 8.29 15.30
CA THR A 87 -11.52 7.36 15.55
C THR A 87 -12.32 7.06 14.29
N GLN A 88 -11.92 7.68 13.17
N GLN A 88 -11.98 7.69 13.16
CA GLN A 88 -12.64 7.57 11.91
CA GLN A 88 -12.70 7.46 11.91
C GLN A 88 -11.81 6.80 10.87
C GLN A 88 -11.85 6.71 10.89
N LEU A 89 -10.67 6.29 11.30
CA LEU A 89 -9.80 5.50 10.43
C LEU A 89 -10.43 4.16 10.05
N TRP A 90 -10.18 3.71 8.82
CA TRP A 90 -10.52 2.35 8.42
C TRP A 90 -9.69 1.94 7.22
N TRP A 91 -9.62 0.64 6.98
CA TRP A 91 -9.00 0.13 5.77
C TRP A 91 -9.60 -1.20 5.38
N VAL A 92 -9.45 -1.53 4.11
CA VAL A 92 -9.91 -2.80 3.58
C VAL A 92 -8.84 -3.34 2.68
N ARG A 93 -8.49 -4.61 2.86
CA ARG A 93 -7.47 -5.27 2.06
C ARG A 93 -7.99 -6.51 1.35
N ALA A 94 -7.60 -6.68 0.09
CA ALA A 94 -7.90 -7.89 -0.65
C ALA A 94 -6.60 -8.64 -0.99
N ASP A 95 -6.53 -9.90 -0.60
CA ASP A 95 -5.41 -10.78 -0.98
C ASP A 95 -5.89 -11.72 -2.06
N GLY A 96 -5.05 -12.01 -3.03
CA GLY A 96 -5.50 -12.85 -4.11
C GLY A 96 -4.47 -13.20 -5.15
N VAL A 97 -4.95 -13.78 -6.25
CA VAL A 97 -4.11 -14.24 -7.36
C VAL A 97 -4.46 -13.46 -8.61
N ALA A 98 -3.43 -12.86 -9.21
CA ALA A 98 -3.59 -12.00 -10.37
C ALA A 98 -3.30 -12.74 -11.66
N THR A 99 -4.14 -12.52 -12.66
CA THR A 99 -3.90 -13.05 -13.99
C THR A 99 -3.90 -11.86 -14.96
N THR A 100 -2.89 -11.80 -15.82
CA THR A 100 -2.80 -10.73 -16.80
C THR A 100 -3.41 -11.18 -18.12
N HIS A 101 -4.33 -10.39 -18.64
CA HIS A 101 -5.01 -10.74 -19.90
C HIS A 101 -4.72 -9.75 -20.99
N HIS A 102 -4.34 -10.26 -22.16
CA HIS A 102 -4.05 -9.41 -23.31
C HIS A 102 -5.11 -9.50 -24.40
N SER A 103 -6.11 -10.36 -24.18
CA SER A 103 -7.29 -10.42 -25.03
C SER A 103 -8.39 -11.22 -24.32
N GLY A 104 -9.57 -11.29 -24.93
CA GLY A 104 -10.62 -12.14 -24.41
C GLY A 104 -11.67 -11.44 -23.55
N ASP A 105 -12.46 -12.24 -22.85
CA ASP A 105 -13.60 -11.75 -22.08
C ASP A 105 -13.19 -10.92 -20.87
N GLU A 106 -12.06 -11.28 -20.26
CA GLU A 106 -11.56 -10.57 -19.08
C GLU A 106 -11.19 -9.13 -19.39
N VAL A 107 -10.57 -8.93 -20.55
CA VAL A 107 -10.27 -7.58 -21.00
C VAL A 107 -11.56 -6.79 -21.22
N ALA A 108 -12.51 -7.42 -21.90
CA ALA A 108 -13.81 -6.83 -22.12
C ALA A 108 -14.48 -6.47 -20.79
N THR A 109 -14.48 -7.43 -19.88
CA THR A 109 -15.12 -7.24 -18.59
C THR A 109 -14.43 -6.11 -17.81
N GLY A 110 -13.11 -6.14 -17.77
CA GLY A 110 -12.35 -5.12 -17.06
C GLY A 110 -12.59 -3.73 -17.61
N TYR A 111 -12.46 -3.59 -18.93
CA TYR A 111 -12.70 -2.31 -19.59
C TYR A 111 -14.08 -1.78 -19.26
N ALA A 112 -15.06 -2.67 -19.31
CA ALA A 112 -16.46 -2.30 -19.09
C ALA A 112 -16.65 -1.71 -17.69
N LEU A 113 -16.18 -2.46 -16.70
CA LEU A 113 -16.28 -2.00 -15.31
C LEU A 113 -15.49 -0.72 -15.04
N LEU A 114 -14.30 -0.61 -15.63
CA LEU A 114 -13.49 0.58 -15.41
C LEU A 114 -14.13 1.84 -15.98
N ARG A 115 -14.67 1.76 -17.20
CA ARG A 115 -15.33 2.93 -17.80
C ARG A 115 -16.57 3.33 -17.02
N ALA A 116 -17.28 2.34 -16.49
CA ALA A 116 -18.48 2.60 -15.71
C ALA A 116 -18.16 3.39 -14.45
N LYS A 117 -17.00 3.10 -13.85
CA LYS A 117 -16.63 3.72 -12.58
C LYS A 117 -15.95 5.07 -12.76
N TYR A 118 -15.02 5.14 -13.72
CA TYR A 118 -14.22 6.34 -13.88
C TYR A 118 -14.52 7.10 -15.18
N HIS A 119 -15.15 8.26 -15.04
CA HIS A 119 -15.49 9.06 -16.21
C HIS A 119 -14.24 9.57 -16.95
N GLN A 120 -13.10 9.55 -16.28
CA GLN A 120 -11.85 10.02 -16.87
C GLN A 120 -11.49 9.16 -18.08
N TYR A 121 -12.06 7.96 -18.14
CA TYR A 121 -11.78 7.04 -19.24
C TYR A 121 -12.55 7.42 -20.52
N GLU A 122 -13.29 8.52 -20.47
CA GLU A 122 -13.90 9.07 -21.68
C GLU A 122 -12.83 9.82 -22.48
N ARG A 123 -11.85 10.39 -21.78
CA ARG A 123 -10.76 11.10 -22.44
C ARG A 123 -9.47 10.28 -22.45
N VAL A 124 -9.22 9.55 -21.37
CA VAL A 124 -8.00 8.76 -21.24
C VAL A 124 -8.16 7.40 -21.93
N SER A 125 -7.19 7.04 -22.77
CA SER A 125 -7.27 5.83 -23.56
C SER A 125 -7.23 4.57 -22.70
N LEU A 126 -7.80 3.49 -23.22
CA LEU A 126 -7.89 2.24 -22.49
C LEU A 126 -7.59 1.10 -23.45
N ASP A 127 -6.31 0.91 -23.72
CA ASP A 127 -5.89 -0.09 -24.69
C ASP A 127 -4.67 -0.89 -24.22
N GLY A 128 -4.61 -1.17 -22.92
CA GLY A 128 -3.53 -1.96 -22.37
C GLY A 128 -4.07 -3.24 -21.76
N PRO A 129 -3.19 -4.06 -21.19
CA PRO A 129 -3.64 -5.33 -20.65
C PRO A 129 -4.48 -5.12 -19.40
N VAL A 130 -5.31 -6.09 -19.05
CA VAL A 130 -6.11 -5.98 -17.85
C VAL A 130 -5.67 -7.05 -16.87
N ILE A 131 -5.39 -6.62 -15.65
CA ILE A 131 -5.10 -7.55 -14.59
C ILE A 131 -6.38 -7.94 -13.87
N SER A 132 -6.60 -9.23 -13.74
CA SER A 132 -7.77 -9.74 -13.05
C SER A 132 -7.31 -10.40 -11.75
N VAL A 133 -7.78 -9.89 -10.63
CA VAL A 133 -7.38 -10.47 -9.35
C VAL A 133 -8.52 -11.31 -8.76
N GLU A 134 -8.26 -12.60 -8.58
CA GLU A 134 -9.23 -13.43 -7.90
C GLU A 134 -8.98 -13.34 -6.41
N VAL A 135 -9.92 -12.73 -5.68
CA VAL A 135 -9.72 -12.48 -4.25
C VAL A 135 -9.95 -13.73 -3.43
N SER A 136 -8.92 -14.15 -2.71
CA SER A 136 -9.02 -15.32 -1.85
C SER A 136 -9.52 -14.92 -0.47
N ARG A 137 -9.24 -13.68 -0.06
CA ARG A 137 -9.74 -13.19 1.22
C ARG A 137 -9.80 -11.67 1.31
N TRP A 138 -10.84 -11.20 1.99
CA TRP A 138 -10.98 -9.78 2.34
C TRP A 138 -10.64 -9.63 3.81
N ALA A 139 -9.96 -8.54 4.15
CA ALA A 139 -9.71 -8.22 5.54
C ALA A 139 -10.06 -6.76 5.72
N SER A 140 -10.48 -6.37 6.91
CA SER A 140 -10.77 -4.97 7.18
C SER A 140 -10.60 -4.63 8.63
N TRP A 141 -10.54 -3.33 8.91
CA TRP A 141 -10.43 -2.80 10.26
C TRP A 141 -11.07 -1.42 10.34
N GLN A 142 -11.77 -1.15 11.44
CA GLN A 142 -12.28 0.20 11.73
C GLN A 142 -11.83 0.61 13.11
N ALA A 143 -11.47 1.88 13.26
CA ALA A 143 -11.12 2.41 14.57
C ALA A 143 -12.34 2.43 15.48
N PHE B 5 11.30 15.94 -6.19
CA PHE B 5 10.46 16.97 -6.79
C PHE B 5 9.69 17.95 -5.89
N ASP B 6 9.80 17.95 -4.55
CA ASP B 6 10.74 17.23 -3.69
C ASP B 6 10.07 15.99 -3.10
N ALA B 7 10.45 14.82 -3.61
CA ALA B 7 9.76 13.56 -3.28
C ALA B 7 9.85 13.21 -1.81
N VAL B 8 11.02 13.40 -1.21
CA VAL B 8 11.22 13.01 0.19
C VAL B 8 10.37 13.88 1.12
N THR B 9 10.31 15.19 0.84
CA THR B 9 9.49 16.08 1.66
C THR B 9 8.01 15.76 1.48
N ALA B 10 7.60 15.50 0.24
CA ALA B 10 6.21 15.14 -0.04
C ALA B 10 5.80 13.89 0.74
N PHE B 11 6.69 12.90 0.73
CA PHE B 11 6.49 11.67 1.48
C PHE B 11 6.42 11.97 2.96
N ALA B 12 7.40 12.72 3.45
CA ALA B 12 7.55 12.97 4.89
C ALA B 12 6.35 13.70 5.50
N ASP B 13 5.76 14.64 4.74
CA ASP B 13 4.64 15.46 5.21
C ASP B 13 3.27 14.78 5.18
N ALA B 14 3.14 13.71 4.38
CA ALA B 14 1.85 13.06 4.22
C ALA B 14 1.43 12.37 5.50
N PRO B 15 0.11 12.34 5.77
CA PRO B 15 -0.37 11.75 7.04
C PRO B 15 -0.25 10.23 7.09
N ALA B 16 -0.40 9.54 5.97
CA ALA B 16 -0.45 8.09 6.02
C ALA B 16 0.33 7.46 4.86
N ALA B 17 0.93 6.31 5.14
CA ALA B 17 1.59 5.51 4.09
C ALA B 17 1.10 4.07 4.16
N VAL B 18 1.26 3.33 3.07
CA VAL B 18 0.96 1.91 3.10
C VAL B 18 2.28 1.17 3.27
N LEU B 19 2.34 0.32 4.29
CA LEU B 19 3.52 -0.50 4.59
C LEU B 19 3.33 -1.90 4.08
N SER B 20 4.29 -2.40 3.28
CA SER B 20 4.21 -3.79 2.83
C SER B 20 5.30 -4.61 3.45
N THR B 21 4.91 -5.73 4.08
CA THR B 21 5.86 -6.67 4.65
C THR B 21 5.55 -8.02 4.01
N LEU B 22 6.40 -9.02 4.26
CA LEU B 22 6.20 -10.33 3.66
C LEU B 22 5.66 -11.32 4.67
N ASN B 23 4.59 -12.02 4.30
CA ASN B 23 4.06 -13.09 5.13
C ASN B 23 5.02 -14.31 5.16
N ALA B 24 4.74 -15.26 6.04
CA ALA B 24 5.56 -16.45 6.17
C ALA B 24 5.74 -17.19 4.83
N ASP B 25 4.71 -17.20 3.99
CA ASP B 25 4.83 -17.90 2.72
C ASP B 25 5.43 -17.02 1.61
N GLY B 26 5.83 -15.79 1.97
CA GLY B 26 6.46 -14.90 1.01
C GLY B 26 5.52 -13.95 0.30
N ALA B 27 4.22 -14.11 0.51
CA ALA B 27 3.20 -13.24 -0.10
C ALA B 27 3.16 -11.87 0.58
N PRO B 28 2.75 -10.83 -0.15
CA PRO B 28 2.79 -9.50 0.48
C PRO B 28 1.67 -9.28 1.48
N HIS B 29 1.97 -8.53 2.53
CA HIS B 29 0.99 -8.13 3.54
C HIS B 29 0.97 -6.61 3.58
N LEU B 30 -0.22 -6.00 3.61
CA LEU B 30 -0.32 -4.55 3.53
C LEU B 30 -1.13 -3.98 4.67
N VAL B 31 -0.66 -2.87 5.25
CA VAL B 31 -1.38 -2.19 6.30
C VAL B 31 -1.02 -0.71 6.24
N PRO B 32 -1.99 0.18 6.51
CA PRO B 32 -1.62 1.60 6.51
C PRO B 32 -1.01 1.99 7.83
N VAL B 33 -0.12 2.98 7.82
CA VAL B 33 0.54 3.42 9.04
C VAL B 33 0.66 4.94 9.07
N VAL B 34 0.75 5.47 10.28
CA VAL B 34 1.27 6.82 10.44
C VAL B 34 2.76 6.63 10.72
N PHE B 35 3.55 7.63 10.37
CA PHE B 35 5.00 7.44 10.26
C PHE B 35 5.69 8.80 10.33
N ALA B 36 6.98 8.80 10.63
CA ALA B 36 7.76 10.01 10.56
C ALA B 36 9.11 9.70 9.97
N VAL B 37 9.64 10.64 9.19
CA VAL B 37 10.90 10.45 8.51
C VAL B 37 12.01 11.27 9.17
N HIS B 38 13.17 10.65 9.38
CA HIS B 38 14.39 11.36 9.75
C HIS B 38 15.29 11.46 8.53
N VAL B 39 15.52 12.68 8.06
CA VAL B 39 16.49 12.94 7.01
C VAL B 39 17.76 13.55 7.58
N PRO B 40 18.87 12.82 7.55
CA PRO B 40 20.13 13.27 8.15
C PRO B 40 20.68 14.53 7.50
N HIS B 41 21.15 15.49 8.30
CA HIS B 41 21.69 16.75 7.78
C HIS B 41 23.16 16.57 7.40
N VAL B 42 23.60 15.32 7.39
CA VAL B 42 24.92 14.97 6.90
C VAL B 42 24.76 14.21 5.59
N GLU B 43 25.70 14.39 4.67
CA GLU B 43 25.60 13.76 3.37
C GLU B 43 26.19 12.34 3.35
N GLY B 44 25.44 11.42 2.74
CA GLY B 44 25.87 10.04 2.66
C GLY B 44 24.90 9.12 3.38
N GLN B 45 24.42 9.59 4.52
CA GLN B 45 23.61 8.77 5.41
C GLN B 45 22.21 8.54 4.87
N PRO B 46 21.68 7.32 5.07
CA PRO B 46 20.33 6.99 4.59
C PRO B 46 19.25 7.61 5.47
N ALA B 47 18.12 7.96 4.87
CA ALA B 47 16.95 8.36 5.63
C ALA B 47 16.42 7.18 6.42
N ARG B 48 15.74 7.47 7.52
CA ARG B 48 15.08 6.42 8.31
C ARG B 48 13.62 6.78 8.48
N ILE B 49 12.76 5.78 8.36
CA ILE B 49 11.34 5.97 8.57
C ILE B 49 10.92 5.23 9.84
N TYR B 50 10.19 5.94 10.71
CA TYR B 50 9.76 5.39 12.00
C TYR B 50 8.26 5.25 12.07
N THR B 51 7.79 4.13 12.61
CA THR B 51 6.37 3.93 12.85
C THR B 51 6.20 3.04 14.09
N ALA B 52 5.25 3.40 14.95
CA ALA B 52 5.10 2.69 16.23
C ALA B 52 4.01 1.65 16.17
N VAL B 53 4.18 0.61 16.99
CA VAL B 53 3.16 -0.41 17.16
C VAL B 53 2.69 -0.30 18.61
N ASP B 54 1.39 -0.15 18.82
CA ASP B 54 0.86 -0.04 20.18
CA ASP B 54 0.83 -0.05 20.17
C ASP B 54 1.15 -1.30 20.98
N ALA B 55 1.35 -1.14 22.29
CA ALA B 55 1.53 -2.30 23.14
C ALA B 55 0.70 -2.09 24.40
N LYS B 56 -0.31 -1.24 24.29
CA LYS B 56 -1.24 -1.04 25.38
C LYS B 56 -2.09 -2.29 25.37
N ARG B 57 -2.44 -2.68 24.15
N ARG B 57 -2.42 -2.73 24.15
CA ARG B 57 -3.17 -3.91 23.88
CA ARG B 57 -3.20 -3.94 23.91
C ARG B 57 -2.34 -4.77 22.92
C ARG B 57 -2.59 -4.79 22.80
N LYS B 58 -2.48 -6.09 23.02
CA LYS B 58 -1.87 -6.99 22.02
C LYS B 58 -2.96 -7.41 21.05
N THR B 59 -2.67 -7.43 19.75
CA THR B 59 -3.69 -7.75 18.74
C THR B 59 -3.07 -8.71 17.74
N THR B 60 -3.89 -9.57 17.13
CA THR B 60 -3.37 -10.55 16.19
C THR B 60 -2.72 -9.82 15.01
N ARG B 61 -3.29 -8.70 14.60
CA ARG B 61 -2.77 -8.03 13.42
C ARG B 61 -1.38 -7.48 13.71
N ASN B 62 -1.16 -7.00 14.92
CA ASN B 62 0.12 -6.37 15.22
C ASN B 62 1.19 -7.44 15.42
N LEU B 63 0.82 -8.61 15.96
CA LEU B 63 1.81 -9.65 16.19
C LEU B 63 2.22 -10.20 14.83
N ARG B 64 1.28 -10.22 13.89
CA ARG B 64 1.57 -10.73 12.56
C ARG B 64 2.62 -9.85 11.89
N ARG B 65 2.39 -8.55 11.95
CA ARG B 65 3.30 -7.60 11.31
C ARG B 65 4.69 -7.64 11.93
N LEU B 66 4.76 -7.69 13.26
CA LEU B 66 6.05 -7.77 13.92
C LEU B 66 6.78 -9.06 13.55
N ALA B 67 6.03 -10.16 13.48
CA ALA B 67 6.66 -11.43 13.13
C ALA B 67 7.17 -11.40 11.69
N ASN B 68 6.43 -10.77 10.79
CA ASN B 68 6.88 -10.66 9.39
C ASN B 68 8.24 -9.96 9.31
N ILE B 69 8.36 -8.85 10.02
CA ILE B 69 9.59 -8.08 9.99
C ILE B 69 10.76 -8.82 10.63
N ASP B 70 10.50 -9.54 11.72
N ASP B 70 10.47 -9.55 11.71
CA ASP B 70 11.58 -10.30 12.34
CA ASP B 70 11.49 -10.34 12.38
C ASP B 70 12.04 -11.44 11.42
C ASP B 70 12.01 -11.43 11.44
N ARG B 71 11.12 -11.97 10.63
CA ARG B 71 11.43 -13.07 9.73
C ARG B 71 12.19 -12.60 8.49
N ASP B 72 11.79 -11.45 7.96
CA ASP B 72 12.37 -10.88 6.74
C ASP B 72 12.29 -9.37 6.82
N SER B 73 13.43 -8.70 6.88
CA SER B 73 13.45 -7.27 7.17
C SER B 73 13.09 -6.42 5.95
N ARG B 74 12.88 -7.04 4.79
CA ARG B 74 12.63 -6.28 3.57
C ARG B 74 11.19 -5.74 3.51
N VAL B 75 11.08 -4.40 3.41
CA VAL B 75 9.76 -3.74 3.35
C VAL B 75 9.73 -2.65 2.30
N SER B 76 8.52 -2.17 2.02
CA SER B 76 8.33 -1.05 1.14
C SER B 76 7.22 -0.20 1.75
N LEU B 77 7.31 1.13 1.61
CA LEU B 77 6.25 2.04 2.04
C LEU B 77 5.90 2.98 0.89
N LEU B 78 4.61 3.24 0.72
CA LEU B 78 4.17 4.11 -0.37
C LEU B 78 3.24 5.19 0.14
N VAL B 79 3.51 6.41 -0.28
CA VAL B 79 2.58 7.51 -0.11
C VAL B 79 2.00 7.85 -1.46
N ASP B 80 0.69 7.89 -1.58
CA ASP B 80 0.16 8.24 -2.90
C ASP B 80 -0.85 9.36 -2.77
N HIS B 81 -0.97 10.15 -3.84
CA HIS B 81 -1.93 11.23 -3.87
C HIS B 81 -2.90 11.02 -5.01
N TYR B 82 -4.18 10.82 -4.69
CA TYR B 82 -5.20 10.70 -5.71
C TYR B 82 -5.94 12.01 -5.90
N SER B 83 -6.33 12.27 -7.15
CA SER B 83 -7.20 13.37 -7.50
C SER B 83 -8.11 12.93 -8.62
N ASP B 84 -9.34 13.45 -8.67
CA ASP B 84 -10.21 13.12 -9.78
C ASP B 84 -9.64 13.73 -11.07
N ASP B 85 -8.79 14.74 -10.92
CA ASP B 85 -7.98 15.27 -12.01
C ASP B 85 -6.71 14.44 -12.13
N TRP B 86 -6.68 13.52 -13.10
CA TRP B 86 -5.59 12.56 -13.19
C TRP B 86 -4.25 13.19 -13.61
N THR B 87 -4.26 14.46 -13.98
CA THR B 87 -3.00 15.14 -14.28
C THR B 87 -2.30 15.57 -13.00
N GLN B 88 -2.94 15.34 -11.84
CA GLN B 88 -2.33 15.77 -10.59
C GLN B 88 -1.98 14.60 -9.67
N LEU B 89 -2.06 13.38 -10.20
CA LEU B 89 -1.66 12.20 -9.45
C LEU B 89 -0.15 12.21 -9.18
N TRP B 90 0.25 11.70 -8.01
CA TRP B 90 1.67 11.45 -7.77
C TRP B 90 1.82 10.40 -6.68
N TRP B 91 3.00 9.79 -6.60
CA TRP B 91 3.29 8.91 -5.48
C TRP B 91 4.78 8.91 -5.19
N VAL B 92 5.14 8.51 -3.98
CA VAL B 92 6.55 8.39 -3.60
C VAL B 92 6.69 7.07 -2.83
N ARG B 93 7.69 6.28 -3.17
CA ARG B 93 7.89 4.98 -2.52
C ARG B 93 9.26 4.91 -1.89
N ALA B 94 9.32 4.30 -0.71
CA ALA B 94 10.59 4.01 -0.04
C ALA B 94 10.72 2.51 0.09
N ASP B 95 11.84 1.97 -0.41
CA ASP B 95 12.19 0.57 -0.17
C ASP B 95 13.28 0.51 0.87
N GLY B 96 13.22 -0.48 1.75
CA GLY B 96 14.21 -0.49 2.81
C GLY B 96 14.20 -1.71 3.70
N VAL B 97 14.98 -1.62 4.77
CA VAL B 97 15.19 -2.73 5.68
C VAL B 97 14.66 -2.32 7.03
N ALA B 98 13.73 -3.11 7.55
CA ALA B 98 13.06 -2.73 8.82
C ALA B 98 13.64 -3.49 10.01
N THR B 99 13.87 -2.75 11.10
CA THR B 99 14.29 -3.33 12.38
C THR B 99 13.30 -2.90 13.46
N THR B 100 12.82 -3.86 14.25
CA THR B 100 11.89 -3.56 15.34
C THR B 100 12.66 -3.35 16.64
N HIS B 101 12.38 -2.24 17.30
CA HIS B 101 13.06 -1.89 18.55
C HIS B 101 12.07 -1.86 19.69
N HIS B 102 12.38 -2.56 20.79
CA HIS B 102 11.46 -2.62 21.92
C HIS B 102 11.96 -1.75 23.06
N SER B 103 13.15 -1.19 22.86
CA SER B 103 13.71 -0.20 23.78
C SER B 103 14.89 0.49 23.11
N GLY B 104 15.46 1.48 23.79
CA GLY B 104 16.70 2.08 23.31
C GLY B 104 16.50 3.34 22.51
N ASP B 105 17.57 3.81 21.89
CA ASP B 105 17.59 5.12 21.26
C ASP B 105 16.66 5.21 20.05
N GLU B 106 16.47 4.11 19.33
CA GLU B 106 15.59 4.13 18.14
C GLU B 106 14.16 4.41 18.55
N VAL B 107 13.74 3.82 19.67
CA VAL B 107 12.43 4.09 20.22
C VAL B 107 12.32 5.56 20.60
N ALA B 108 13.33 6.09 21.30
CA ALA B 108 13.32 7.51 21.65
C ALA B 108 13.24 8.41 20.40
N THR B 109 14.03 8.10 19.39
CA THR B 109 14.07 8.91 18.17
C THR B 109 12.72 8.86 17.44
N GLY B 110 12.16 7.66 17.33
CA GLY B 110 10.86 7.47 16.70
C GLY B 110 9.74 8.21 17.43
N TYR B 111 9.68 8.03 18.75
CA TYR B 111 8.66 8.71 19.54
C TYR B 111 8.71 10.23 19.35
N ALA B 112 9.93 10.79 19.37
CA ALA B 112 10.11 12.24 19.25
C ALA B 112 9.62 12.75 17.90
N LEU B 113 10.03 12.09 16.84
CA LEU B 113 9.59 12.46 15.50
C LEU B 113 8.08 12.32 15.31
N LEU B 114 7.50 11.24 15.83
CA LEU B 114 6.06 11.02 15.73
C LEU B 114 5.24 12.07 16.48
N ARG B 115 5.68 12.41 17.71
CA ARG B 115 5.00 13.46 18.48
C ARG B 115 5.13 14.83 17.82
N ALA B 116 6.26 15.09 17.19
CA ALA B 116 6.45 16.35 16.49
C ALA B 116 5.50 16.44 15.28
N LYS B 117 5.23 15.31 14.63
CA LYS B 117 4.42 15.33 13.42
C LYS B 117 2.90 15.26 13.68
N TYR B 118 2.49 14.42 14.62
CA TYR B 118 1.06 14.15 14.86
C TYR B 118 0.56 14.69 16.18
N HIS B 119 -0.31 15.69 16.11
CA HIS B 119 -0.87 16.27 17.34
C HIS B 119 -1.72 15.24 18.09
N GLN B 120 -2.15 14.19 17.38
CA GLN B 120 -3.02 13.18 17.98
C GLN B 120 -2.34 12.44 19.14
N TYR B 121 -1.03 12.47 19.15
CA TYR B 121 -0.27 11.78 20.17
C TYR B 121 -0.25 12.56 21.48
N GLU B 122 -0.96 13.68 21.50
CA GLU B 122 -1.17 14.42 22.75
C GLU B 122 -2.18 13.66 23.58
N ARG B 123 -3.07 12.93 22.90
CA ARG B 123 -4.10 12.12 23.55
C ARG B 123 -3.81 10.62 23.45
N VAL B 124 -3.30 10.18 22.31
CA VAL B 124 -3.06 8.76 22.07
C VAL B 124 -1.71 8.32 22.63
N SER B 125 -1.70 7.20 23.35
CA SER B 125 -0.49 6.72 24.02
C SER B 125 0.57 6.25 23.04
N LEU B 126 1.82 6.28 23.48
CA LEU B 126 2.94 5.89 22.67
C LEU B 126 3.96 5.12 23.50
N ASP B 127 3.67 3.85 23.80
CA ASP B 127 4.57 3.03 24.62
C ASP B 127 4.72 1.60 24.09
N GLY B 128 4.81 1.46 22.78
CA GLY B 128 5.01 0.16 22.15
C GLY B 128 6.31 0.16 21.37
N PRO B 129 6.62 -0.96 20.69
CA PRO B 129 7.88 -1.00 19.96
C PRO B 129 7.84 -0.06 18.76
N VAL B 130 9.02 0.35 18.30
CA VAL B 130 9.14 1.23 17.14
C VAL B 130 9.82 0.48 16.01
N ILE B 131 9.21 0.50 14.82
CA ILE B 131 9.83 -0.06 13.64
C ILE B 131 10.64 1.04 13.00
N SER B 132 11.92 0.75 12.75
CA SER B 132 12.81 1.72 12.13
C SER B 132 13.22 1.21 10.76
N VAL B 133 12.88 1.95 9.71
CA VAL B 133 13.19 1.49 8.39
C VAL B 133 14.33 2.27 7.80
N GLU B 134 15.42 1.58 7.47
CA GLU B 134 16.53 2.21 6.80
C GLU B 134 16.26 2.20 5.31
N VAL B 135 16.11 3.38 4.73
CA VAL B 135 15.73 3.45 3.32
C VAL B 135 16.89 3.16 2.39
N SER B 136 16.74 2.14 1.56
CA SER B 136 17.76 1.82 0.58
C SER B 136 17.51 2.55 -0.73
N ARG B 137 16.26 2.85 -1.04
CA ARG B 137 15.99 3.63 -2.25
C ARG B 137 14.66 4.32 -2.21
N TRP B 138 14.64 5.51 -2.80
CA TRP B 138 13.43 6.29 -3.01
C TRP B 138 13.05 6.19 -4.48
N ALA B 139 11.76 6.14 -4.74
CA ALA B 139 11.24 6.21 -6.11
C ALA B 139 10.06 7.17 -6.13
N SER B 140 9.80 7.81 -7.26
CA SER B 140 8.65 8.70 -7.30
C SER B 140 8.10 8.82 -8.71
N TRP B 141 6.88 9.32 -8.80
CA TRP B 141 6.24 9.55 -10.08
C TRP B 141 5.27 10.72 -9.97
N GLN B 142 5.21 11.55 -11.00
CA GLN B 142 4.18 12.58 -11.11
C GLN B 142 3.48 12.44 -12.44
N ALA B 143 2.17 12.66 -12.45
CA ALA B 143 1.42 12.68 -13.69
C ALA B 143 1.88 13.85 -14.56
#